data_3DJB
#
_entry.id   3DJB
#
_cell.length_a   66.273
_cell.length_b   66.273
_cell.length_c   101.736
_cell.angle_alpha   90.00
_cell.angle_beta   90.00
_cell.angle_gamma   90.00
#
_symmetry.space_group_name_H-M   'P 43'
#
loop_
_entity.id
_entity.type
_entity.pdbx_description
1 polymer 'Hydrolase, HD family'
2 non-polymer 'MAGNESIUM ION'
3 water water
#
_entity_poly.entity_id   1
_entity_poly.type   'polypeptide(L)'
_entity_poly.pdbx_seq_one_letter_code
;(MSE)TKQEKIEKTITFVKHILEKDASGHDWYHIRRVHK(MSE)AISLSEQEGGNRFIIE(MSE)AALLHDVADEKLNES
EEAG(MSE)KKVSDWLEELHVEEEESKHVLHIIAN(MSE)SYKGGHGGKVESIEGKLVQDADRLDALGAIGIARTFAYGG
AKGRL(MSE)YDPTIPPREV(MSE)TKDEYRKNNDPSLNHFYEKLLKLKDL(MSE)NTNAAKQEAEVRHRY(MSE)EQFI
EQF(MSE)KEWNAQILEHHHHHH
;
_entity_poly.pdbx_strand_id   A,B
#
loop_
_chem_comp.id
_chem_comp.type
_chem_comp.name
_chem_comp.formula
MG non-polymer 'MAGNESIUM ION' 'Mg 2'
#
# COMPACT_ATOMS: atom_id res chain seq x y z
N THR A 2 0.48 22.04 36.51
CA THR A 2 1.54 21.03 36.27
C THR A 2 1.90 20.87 34.79
N LYS A 3 3.03 20.21 34.52
CA LYS A 3 3.51 20.00 33.16
C LYS A 3 2.50 19.24 32.29
N GLN A 4 1.99 18.13 32.82
CA GLN A 4 1.03 17.32 32.11
C GLN A 4 -0.15 18.16 31.69
N GLU A 5 -0.49 19.16 32.48
CA GLU A 5 -1.62 19.99 32.09
C GLU A 5 -1.21 20.87 30.92
N LYS A 6 0.10 21.05 30.75
CA LYS A 6 0.62 21.86 29.66
C LYS A 6 0.74 21.00 28.41
N ILE A 7 1.43 19.87 28.56
CA ILE A 7 1.58 18.94 27.46
C ILE A 7 0.16 18.64 26.98
N GLU A 8 -0.83 18.79 27.86
CA GLU A 8 -2.22 18.53 27.47
C GLU A 8 -2.83 19.67 26.67
N LYS A 9 -2.71 20.89 27.18
CA LYS A 9 -3.29 22.04 26.51
C LYS A 9 -2.58 22.34 25.19
N THR A 10 -1.33 21.91 25.11
CA THR A 10 -0.52 22.08 23.91
C THR A 10 -1.09 21.12 22.85
N ILE A 11 -1.60 19.96 23.28
CA ILE A 11 -2.21 18.96 22.41
C ILE A 11 -3.45 19.58 21.79
N THR A 12 -3.94 20.61 22.46
CA THR A 12 -5.10 21.30 21.96
C THR A 12 -4.59 22.39 21.04
N PHE A 13 -3.44 22.96 21.39
CA PHE A 13 -2.86 24.04 20.58
C PHE A 13 -2.58 23.60 19.13
N VAL A 14 -2.05 22.40 18.97
CA VAL A 14 -1.75 21.88 17.65
C VAL A 14 -3.03 21.38 17.02
N LYS A 15 -3.84 20.65 17.78
CA LYS A 15 -5.09 20.12 17.26
C LYS A 15 -5.96 21.20 16.63
N HIS A 16 -5.85 22.41 17.14
CA HIS A 16 -6.63 23.55 16.66
C HIS A 16 -6.00 24.20 15.43
N ILE A 17 -4.78 24.70 15.58
CA ILE A 17 -4.10 25.37 14.48
C ILE A 17 -4.18 24.54 13.19
N LEU A 18 -4.34 23.23 13.33
CA LEU A 18 -4.44 22.34 12.18
C LEU A 18 -5.82 22.46 11.53
N GLU A 19 -6.72 23.18 12.19
CA GLU A 19 -8.05 23.34 11.64
C GLU A 19 -8.16 24.63 10.84
N LYS A 20 -7.52 25.69 11.33
CA LYS A 20 -7.55 26.97 10.64
C LYS A 20 -6.86 26.91 9.27
N ASP A 21 -6.52 25.71 8.82
CA ASP A 21 -5.86 25.56 7.53
C ASP A 21 -5.80 24.10 7.12
N ALA A 22 -4.59 23.67 6.75
CA ALA A 22 -4.31 22.30 6.31
C ALA A 22 -5.46 21.34 6.55
N SER A 23 -5.33 20.53 7.60
CA SER A 23 -6.34 19.56 7.95
C SER A 23 -6.07 18.92 9.29
N GLY A 24 -7.13 18.75 10.07
CA GLY A 24 -6.98 18.13 11.36
C GLY A 24 -6.71 16.66 11.18
N HIS A 25 -6.18 16.29 10.00
CA HIS A 25 -5.89 14.90 9.76
C HIS A 25 -4.41 14.61 9.93
N ASP A 26 -3.57 15.66 9.84
CA ASP A 26 -2.12 15.50 10.03
C ASP A 26 -1.81 15.24 11.51
N TRP A 27 -2.85 15.26 12.35
CA TRP A 27 -2.70 15.02 13.77
C TRP A 27 -2.31 13.58 14.04
N TYR A 28 -3.01 12.65 13.42
CA TYR A 28 -2.72 11.23 13.65
C TYR A 28 -1.24 10.94 13.44
N HIS A 29 -0.56 11.77 12.64
CA HIS A 29 0.87 11.60 12.41
C HIS A 29 1.65 12.17 13.58
N ILE A 30 1.26 13.36 13.99
CA ILE A 30 1.89 14.06 15.11
C ILE A 30 1.87 13.14 16.33
N ARG A 31 0.69 12.61 16.65
CA ARG A 31 0.54 11.75 17.80
C ARG A 31 1.40 10.49 17.70
N ARG A 32 1.23 9.76 16.62
CA ARG A 32 1.99 8.54 16.39
C ARG A 32 3.48 8.76 16.70
N VAL A 33 4.00 9.94 16.38
CA VAL A 33 5.40 10.26 16.65
C VAL A 33 5.57 10.54 18.14
N HIS A 34 4.66 11.35 18.69
CA HIS A 34 4.66 11.72 20.10
C HIS A 34 4.57 10.48 21.00
N LYS A 35 3.52 9.69 20.85
CA LYS A 35 3.40 8.49 21.67
C LYS A 35 4.66 7.65 21.51
N MSE A 36 5.26 7.73 20.33
CA MSE A 36 6.46 6.98 20.02
C MSE A 36 7.71 7.56 20.71
O MSE A 36 8.62 6.82 21.09
CB MSE A 36 6.64 6.95 18.49
CG MSE A 36 7.63 5.92 17.98
SE MSE A 36 7.03 5.12 16.29
CE MSE A 36 6.14 6.65 15.46
N ALA A 37 7.73 8.89 20.85
CA ALA A 37 8.85 9.57 21.50
C ALA A 37 8.81 9.23 22.98
N ILE A 38 7.60 8.98 23.48
CA ILE A 38 7.47 8.60 24.88
C ILE A 38 8.14 7.24 25.02
N SER A 39 7.47 6.21 24.53
CA SER A 39 7.98 4.86 24.62
C SER A 39 9.47 4.75 24.40
N LEU A 40 10.01 5.64 23.58
CA LEU A 40 11.43 5.65 23.28
C LEU A 40 12.25 6.21 24.46
N SER A 41 11.79 7.33 25.04
CA SER A 41 12.50 7.95 26.17
C SER A 41 12.52 7.00 27.37
N GLU A 42 11.34 6.46 27.68
CA GLU A 42 11.19 5.54 28.79
C GLU A 42 11.97 4.26 28.54
N GLN A 43 13.03 4.39 27.78
CA GLN A 43 13.84 3.24 27.53
C GLN A 43 15.22 3.72 27.18
N GLU A 44 15.34 5.04 27.07
CA GLU A 44 16.61 5.65 26.72
C GLU A 44 16.98 6.85 27.57
N GLY A 45 16.04 7.31 28.39
CA GLY A 45 16.32 8.46 29.24
C GLY A 45 15.82 9.78 28.66
N GLY A 46 16.58 10.85 28.88
CA GLY A 46 16.20 12.17 28.41
C GLY A 46 14.99 12.79 29.08
N ASN A 47 14.92 14.12 29.07
CA ASN A 47 13.81 14.84 29.69
C ASN A 47 12.46 14.70 29.00
N ARG A 48 11.58 13.85 29.53
CA ARG A 48 10.27 13.65 28.94
C ARG A 48 9.59 14.93 28.48
N PHE A 49 9.12 15.75 29.41
CA PHE A 49 8.46 17.01 29.03
C PHE A 49 9.06 17.69 27.80
N ILE A 50 10.37 17.85 27.78
CA ILE A 50 10.99 18.49 26.64
C ILE A 50 10.71 17.62 25.43
N ILE A 51 11.09 16.35 25.49
CA ILE A 51 10.86 15.45 24.37
C ILE A 51 9.43 15.57 23.85
N GLU A 52 8.44 15.46 24.74
CA GLU A 52 7.04 15.57 24.35
C GLU A 52 6.69 16.92 23.74
N MSE A 53 6.96 17.99 24.47
CA MSE A 53 6.67 19.32 23.95
C MSE A 53 7.31 19.52 22.59
O MSE A 53 6.73 20.19 21.71
CB MSE A 53 7.17 20.40 24.90
CG MSE A 53 6.33 20.55 26.14
SE MSE A 53 4.49 20.93 25.68
CE MSE A 53 4.67 22.82 25.31
N ALA A 54 8.48 18.95 22.39
CA ALA A 54 9.17 19.10 21.12
C ALA A 54 8.48 18.32 20.02
N ALA A 55 8.37 17.01 20.20
CA ALA A 55 7.74 16.15 19.19
C ALA A 55 6.36 16.68 18.78
N LEU A 56 5.68 17.31 19.73
CA LEU A 56 4.35 17.85 19.52
C LEU A 56 4.28 19.16 18.77
N LEU A 57 5.41 19.84 18.58
CA LEU A 57 5.39 21.13 17.88
C LEU A 57 6.36 21.27 16.71
N HIS A 58 7.09 20.20 16.38
CA HIS A 58 8.06 20.22 15.27
C HIS A 58 7.37 20.50 13.94
N ASP A 59 6.12 20.07 13.88
CA ASP A 59 5.31 20.25 12.70
C ASP A 59 4.67 21.61 12.57
N VAL A 60 4.44 22.29 13.70
CA VAL A 60 3.80 23.59 13.66
C VAL A 60 4.71 24.70 13.15
N ALA A 61 6.01 24.42 13.09
CA ALA A 61 6.94 25.41 12.59
C ALA A 61 7.27 25.09 11.12
N ASP A 62 7.16 23.81 10.75
CA ASP A 62 7.44 23.37 9.38
C ASP A 62 6.91 24.37 8.35
N LEU A 65 4.46 24.19 5.90
CA LEU A 65 3.16 24.76 5.51
C LEU A 65 2.57 25.61 6.65
N ASN A 66 3.43 26.02 7.57
CA ASN A 66 2.97 26.82 8.71
C ASN A 66 2.77 28.27 8.31
N GLU A 67 3.76 28.79 7.58
CA GLU A 67 3.76 30.16 7.10
C GLU A 67 4.86 30.40 6.06
N SER A 68 6.02 30.90 6.49
CA SER A 68 7.11 31.19 5.55
C SER A 68 8.49 31.15 6.24
N GLU A 69 9.25 30.08 6.00
CA GLU A 69 10.57 29.89 6.60
C GLU A 69 10.49 29.90 8.16
N GLU A 70 11.50 30.51 8.80
CA GLU A 70 11.58 30.59 10.26
C GLU A 70 10.56 31.57 10.84
N ALA A 71 9.36 31.57 10.27
CA ALA A 71 8.31 32.44 10.74
C ALA A 71 7.49 31.72 11.81
N GLY A 72 7.60 30.39 11.80
CA GLY A 72 6.89 29.57 12.77
C GLY A 72 7.62 29.44 14.08
N MSE A 73 8.93 29.69 14.04
CA MSE A 73 9.75 29.62 15.24
C MSE A 73 9.16 30.54 16.29
O MSE A 73 8.90 30.12 17.42
CB MSE A 73 11.17 30.05 14.91
CG MSE A 73 12.23 29.14 15.47
SE MSE A 73 12.01 27.30 14.90
CE MSE A 73 11.64 27.57 13.00
N LYS A 74 8.95 31.79 15.93
CA LYS A 74 8.39 32.75 16.86
C LYS A 74 6.93 32.38 17.10
N LYS A 75 6.39 31.52 16.25
CA LYS A 75 5.01 31.11 16.43
C LYS A 75 4.95 30.13 17.61
N VAL A 76 5.98 29.31 17.72
CA VAL A 76 6.13 28.32 18.80
C VAL A 76 6.75 29.02 19.99
N SER A 77 7.69 29.92 19.70
CA SER A 77 8.38 30.70 20.70
C SER A 77 7.39 31.39 21.64
N ASP A 78 6.60 32.31 21.10
CA ASP A 78 5.61 33.06 21.90
C ASP A 78 4.53 32.19 22.53
N TRP A 79 4.47 30.92 22.12
CA TRP A 79 3.48 30.00 22.68
C TRP A 79 4.00 29.40 23.98
N LEU A 80 5.22 28.88 23.93
CA LEU A 80 5.82 28.28 25.12
C LEU A 80 5.79 29.30 26.25
N GLU A 81 5.70 30.58 25.89
CA GLU A 81 5.65 31.67 26.84
C GLU A 81 4.30 31.73 27.52
N GLU A 82 3.24 31.71 26.72
CA GLU A 82 1.89 31.75 27.24
C GLU A 82 1.68 30.59 28.20
N LEU A 83 2.34 29.46 27.92
CA LEU A 83 2.25 28.26 28.76
C LEU A 83 3.30 28.33 29.87
N HIS A 84 4.06 29.43 29.87
CA HIS A 84 5.10 29.64 30.86
C HIS A 84 6.05 28.47 30.95
N VAL A 85 7.23 28.65 30.36
CA VAL A 85 8.25 27.61 30.37
C VAL A 85 9.61 28.27 30.48
N GLU A 86 10.23 28.17 31.65
CA GLU A 86 11.54 28.76 31.90
C GLU A 86 12.41 28.68 30.67
N GLU A 87 12.97 29.80 30.25
CA GLU A 87 13.83 29.82 29.08
C GLU A 87 14.85 28.70 29.20
N GLU A 88 15.15 28.30 30.44
CA GLU A 88 16.10 27.24 30.70
C GLU A 88 15.71 25.95 29.98
N GLU A 89 14.40 25.77 29.80
CA GLU A 89 13.89 24.58 29.11
C GLU A 89 13.41 24.92 27.71
N SER A 90 12.68 26.01 27.60
CA SER A 90 12.13 26.47 26.34
C SER A 90 13.23 26.60 25.30
N LYS A 91 14.34 27.18 25.71
CA LYS A 91 15.46 27.36 24.80
C LYS A 91 15.87 26.00 24.20
N HIS A 92 15.57 24.92 24.91
CA HIS A 92 15.92 23.55 24.48
C HIS A 92 14.80 22.92 23.68
N VAL A 93 13.56 23.26 24.07
CA VAL A 93 12.40 22.73 23.40
C VAL A 93 12.36 23.29 21.99
N LEU A 94 12.14 24.59 21.87
CA LEU A 94 12.08 25.16 20.54
C LEU A 94 13.43 25.08 19.83
N HIS A 95 14.40 24.43 20.45
CA HIS A 95 15.69 24.32 19.83
C HIS A 95 15.63 23.20 18.80
N ILE A 96 15.56 21.95 19.28
CA ILE A 96 15.51 20.80 18.38
C ILE A 96 14.42 20.92 17.32
N ILE A 97 13.38 21.72 17.65
CA ILE A 97 12.25 21.99 16.77
C ILE A 97 12.79 22.68 15.51
N ALA A 98 14.07 23.01 15.54
CA ALA A 98 14.71 23.65 14.41
C ALA A 98 15.28 22.54 13.55
N ASN A 99 15.98 21.61 14.19
CA ASN A 99 16.57 20.49 13.47
C ASN A 99 15.56 19.40 13.18
N MSE A 100 14.34 19.81 12.86
CA MSE A 100 13.26 18.88 12.55
C MSE A 100 12.73 19.14 11.13
O MSE A 100 11.56 18.86 10.83
CB MSE A 100 12.12 19.03 13.58
CG MSE A 100 12.45 18.49 14.97
SE MSE A 100 12.27 16.55 15.15
CE MSE A 100 13.90 15.97 14.24
N SER A 112 22.26 16.06 21.65
CA SER A 112 21.17 16.19 22.62
C SER A 112 20.32 14.94 22.68
N ILE A 113 20.34 14.21 23.78
CA ILE A 113 19.54 12.98 23.83
C ILE A 113 18.05 13.23 23.62
N GLU A 114 17.50 14.27 24.24
CA GLU A 114 16.08 14.61 24.10
C GLU A 114 15.73 14.77 22.63
N GLY A 115 16.42 15.69 21.96
CA GLY A 115 16.18 15.87 20.55
C GLY A 115 16.44 14.57 19.82
N LYS A 116 17.62 14.01 20.00
CA LYS A 116 17.98 12.76 19.32
C LYS A 116 16.80 11.79 19.33
N LEU A 117 16.09 11.71 20.46
CA LEU A 117 14.95 10.80 20.52
C LEU A 117 13.79 11.28 19.66
N VAL A 118 13.44 12.56 19.76
CA VAL A 118 12.34 13.07 18.95
C VAL A 118 12.58 12.73 17.49
N GLN A 119 13.82 12.94 17.03
CA GLN A 119 14.17 12.64 15.66
C GLN A 119 14.08 11.16 15.34
N ASP A 120 14.32 10.32 16.33
CA ASP A 120 14.24 8.89 16.09
C ASP A 120 12.78 8.50 16.07
N ALA A 121 11.96 9.30 16.74
CA ALA A 121 10.53 9.03 16.81
C ALA A 121 9.80 9.58 15.59
N ASP A 122 10.47 10.43 14.81
CA ASP A 122 9.83 11.00 13.64
C ASP A 122 10.20 10.23 12.38
N ARG A 123 11.48 9.89 12.29
CA ARG A 123 11.99 9.15 11.15
C ARG A 123 11.40 7.72 11.14
N LEU A 124 11.21 7.13 12.32
CA LEU A 124 10.62 5.79 12.42
C LEU A 124 9.25 5.77 11.78
N ASP A 125 8.59 6.92 11.82
CA ASP A 125 7.26 7.06 11.25
C ASP A 125 7.30 7.22 9.74
N ALA A 126 8.04 6.37 9.06
CA ALA A 126 8.13 6.42 7.62
C ALA A 126 8.24 5.00 7.14
N LEU A 127 8.74 4.15 8.03
CA LEU A 127 8.91 2.75 7.75
C LEU A 127 7.77 1.91 8.32
N GLY A 128 7.65 0.68 7.81
CA GLY A 128 6.62 -0.25 8.24
C GLY A 128 5.36 -0.18 7.40
N ALA A 129 4.41 -1.05 7.73
CA ALA A 129 3.14 -1.12 7.01
C ALA A 129 2.68 0.26 6.52
N ILE A 130 2.51 1.19 7.46
CA ILE A 130 2.08 2.58 7.17
C ILE A 130 2.87 3.17 5.98
N GLY A 131 4.19 2.97 6.04
CA GLY A 131 5.07 3.48 5.00
C GLY A 131 4.63 2.89 3.69
N ILE A 132 4.66 1.56 3.61
CA ILE A 132 4.22 0.87 2.42
C ILE A 132 2.98 1.57 1.92
N ALA A 133 1.95 1.65 2.76
CA ALA A 133 0.73 2.31 2.35
C ALA A 133 0.98 3.74 1.97
N ARG A 134 1.55 4.52 2.86
CA ARG A 134 1.78 5.90 2.50
C ARG A 134 2.34 6.00 1.09
N THR A 135 3.20 5.06 0.74
CA THR A 135 3.82 5.06 -0.58
C THR A 135 2.85 4.84 -1.75
N PHE A 136 2.34 3.62 -1.89
CA PHE A 136 1.41 3.37 -2.98
C PHE A 136 0.32 4.41 -3.02
N ALA A 137 -0.05 4.91 -1.84
CA ALA A 137 -1.08 5.95 -1.69
C ALA A 137 -0.63 7.21 -2.40
N TYR A 138 0.52 7.72 -1.98
CA TYR A 138 1.09 8.90 -2.59
C TYR A 138 1.29 8.62 -4.09
N GLY A 139 1.58 7.36 -4.41
CA GLY A 139 1.78 6.95 -5.79
C GLY A 139 0.49 7.12 -6.57
N GLY A 140 -0.61 6.63 -5.99
CA GLY A 140 -1.89 6.77 -6.65
C GLY A 140 -2.24 8.22 -6.97
N ALA A 141 -2.10 9.08 -5.96
CA ALA A 141 -2.36 10.51 -6.12
C ALA A 141 -1.45 11.08 -7.19
N LYS A 142 -0.14 10.89 -7.03
CA LYS A 142 0.79 11.41 -8.02
C LYS A 142 0.65 10.81 -9.42
N GLY A 143 -0.19 9.78 -9.57
CA GLY A 143 -0.39 9.15 -10.86
C GLY A 143 0.80 8.35 -11.38
N ARG A 144 1.03 7.20 -10.77
CA ARG A 144 2.14 6.34 -11.15
C ARG A 144 1.77 4.89 -10.92
N LEU A 145 2.54 3.99 -11.53
CA LEU A 145 2.29 2.57 -11.36
C LEU A 145 2.82 2.18 -9.98
N MSE A 146 2.72 0.89 -9.66
CA MSE A 146 3.20 0.40 -8.38
C MSE A 146 4.58 -0.20 -8.56
O MSE A 146 5.49 0.00 -7.76
CB MSE A 146 2.26 -0.66 -7.85
CG MSE A 146 0.86 -0.51 -8.33
SE MSE A 146 -0.34 -1.63 -7.34
CE MSE A 146 0.60 -3.32 -7.42
N TYR A 147 4.72 -0.97 -9.65
CA TYR A 147 5.97 -1.61 -10.02
C TYR A 147 6.08 -1.66 -11.53
N ASP A 148 7.33 -1.72 -12.01
CA ASP A 148 7.61 -1.78 -13.44
C ASP A 148 9.02 -2.34 -13.64
N PRO A 149 9.14 -3.53 -14.25
CA PRO A 149 10.45 -4.16 -14.51
C PRO A 149 11.32 -3.42 -15.53
N THR A 150 10.74 -2.40 -16.16
CA THR A 150 11.46 -1.59 -17.16
C THR A 150 12.18 -0.43 -16.46
N ILE A 151 11.79 -0.18 -15.21
CA ILE A 151 12.37 0.89 -14.39
C ILE A 151 12.90 0.32 -13.07
N PRO A 152 14.14 -0.20 -13.08
CA PRO A 152 14.75 -0.77 -11.87
C PRO A 152 15.06 0.29 -10.82
N PRO A 153 15.35 -0.14 -9.59
CA PRO A 153 15.66 0.80 -8.50
C PRO A 153 16.95 1.64 -8.71
N ARG A 154 17.07 2.74 -7.97
CA ARG A 154 18.23 3.62 -8.06
C ARG A 154 18.76 3.96 -6.66
N ASP A 167 9.22 5.96 -12.86
CA ASP A 167 9.36 6.17 -11.43
C ASP A 167 8.13 5.61 -10.71
N PRO A 168 8.12 4.28 -10.47
CA PRO A 168 7.03 3.58 -9.79
C PRO A 168 7.13 3.66 -8.27
N SER A 169 6.02 3.39 -7.60
CA SER A 169 5.95 3.44 -6.14
C SER A 169 6.83 2.44 -5.44
N LEU A 170 6.96 1.24 -5.98
CA LEU A 170 7.77 0.23 -5.32
C LEU A 170 9.23 0.62 -5.24
N ASN A 171 9.72 1.32 -6.25
CA ASN A 171 11.11 1.73 -6.26
C ASN A 171 11.43 2.68 -5.11
N HIS A 172 10.52 3.60 -4.82
CA HIS A 172 10.71 4.56 -3.73
C HIS A 172 11.25 3.87 -2.47
N PHE A 173 10.91 2.59 -2.28
CA PHE A 173 11.38 1.89 -1.10
C PHE A 173 12.90 1.87 -1.05
N TYR A 174 13.52 1.23 -2.04
CA TYR A 174 14.98 1.15 -2.11
C TYR A 174 15.53 2.56 -2.21
N GLU A 175 14.86 3.40 -2.99
CA GLU A 175 15.25 4.78 -3.22
C GLU A 175 15.64 5.52 -1.94
N LYS A 176 14.67 5.80 -1.09
CA LYS A 176 14.94 6.54 0.13
C LYS A 176 14.11 6.11 1.33
N LEU A 177 14.03 4.80 1.57
CA LEU A 177 13.26 4.30 2.70
C LEU A 177 13.96 3.16 3.44
N LEU A 178 14.38 2.13 2.71
CA LEU A 178 15.06 1.02 3.35
C LEU A 178 16.36 1.48 4.00
N LYS A 179 16.88 2.61 3.55
CA LYS A 179 18.13 3.15 4.09
C LYS A 179 17.90 4.15 5.22
N LEU A 180 16.75 4.04 5.89
CA LEU A 180 16.40 4.94 6.99
C LEU A 180 16.69 4.33 8.34
N LYS A 181 16.76 3.02 8.40
CA LYS A 181 17.07 2.31 9.64
C LYS A 181 18.53 2.46 10.02
N ASP A 182 19.29 3.10 9.15
CA ASP A 182 20.71 3.30 9.40
C ASP A 182 20.98 4.70 9.96
N LEU A 183 19.95 5.53 10.00
CA LEU A 183 20.07 6.90 10.50
C LEU A 183 19.45 7.05 11.90
N MSE A 184 19.02 5.94 12.47
CA MSE A 184 18.43 5.98 13.80
C MSE A 184 19.55 6.26 14.81
O MSE A 184 20.66 5.76 14.66
CB MSE A 184 17.75 4.64 14.08
CG MSE A 184 16.31 4.77 14.61
SE MSE A 184 15.10 5.75 13.43
CE MSE A 184 14.62 4.35 12.18
N ASN A 185 19.24 7.06 15.83
CA ASN A 185 20.22 7.42 16.86
C ASN A 185 20.25 6.49 18.06
N THR A 186 19.28 6.61 18.96
CA THR A 186 19.25 5.76 20.17
C THR A 186 19.02 4.30 19.83
N ASN A 187 19.17 3.46 20.84
CA ASN A 187 18.98 2.03 20.67
C ASN A 187 17.53 1.63 20.41
N ALA A 188 16.63 1.99 21.34
CA ALA A 188 15.21 1.65 21.21
C ALA A 188 14.69 1.95 19.80
N ALA A 189 15.09 3.09 19.26
CA ALA A 189 14.71 3.52 17.92
C ALA A 189 15.31 2.56 16.91
N LYS A 190 16.61 2.27 17.06
CA LYS A 190 17.27 1.35 16.16
C LYS A 190 16.58 -0.01 16.21
N GLN A 191 16.25 -0.48 17.41
CA GLN A 191 15.59 -1.76 17.56
C GLN A 191 14.31 -1.78 16.74
N GLU A 192 13.36 -0.96 17.15
CA GLU A 192 12.10 -0.88 16.46
C GLU A 192 12.34 -0.80 14.95
N ALA A 193 13.25 0.07 14.53
CA ALA A 193 13.58 0.28 13.12
C ALA A 193 13.94 -0.99 12.37
N GLU A 194 14.72 -1.85 13.01
CA GLU A 194 15.10 -3.12 12.41
C GLU A 194 13.86 -3.96 12.22
N VAL A 195 12.97 -3.96 13.20
CA VAL A 195 11.76 -4.75 13.08
C VAL A 195 10.90 -4.18 11.97
N ARG A 196 10.75 -2.85 11.95
CA ARG A 196 9.95 -2.17 10.92
C ARG A 196 10.55 -2.38 9.53
N HIS A 197 11.87 -2.17 9.44
CA HIS A 197 12.62 -2.31 8.18
C HIS A 197 12.46 -3.72 7.63
N ARG A 198 12.61 -4.70 8.51
CA ARG A 198 12.50 -6.09 8.13
C ARG A 198 11.18 -6.34 7.42
N TYR A 199 10.08 -5.81 7.97
CA TYR A 199 8.75 -6.00 7.39
C TYR A 199 8.65 -5.48 5.95
N MSE A 200 9.21 -4.31 5.67
CA MSE A 200 9.18 -3.77 4.33
C MSE A 200 9.97 -4.71 3.40
O MSE A 200 9.64 -4.86 2.23
CB MSE A 200 9.78 -2.36 4.30
CG MSE A 200 8.96 -1.33 5.11
SE MSE A 200 9.59 0.53 4.96
CE MSE A 200 8.33 1.24 3.65
N GLU A 201 11.00 -5.35 3.94
CA GLU A 201 11.81 -6.28 3.16
C GLU A 201 10.98 -7.50 2.77
N GLN A 202 10.44 -8.18 3.78
CA GLN A 202 9.61 -9.36 3.61
C GLN A 202 8.41 -9.04 2.74
N PHE A 203 7.87 -7.84 2.90
CA PHE A 203 6.72 -7.41 2.09
C PHE A 203 7.10 -7.43 0.61
N ILE A 204 8.12 -6.64 0.23
CA ILE A 204 8.58 -6.57 -1.14
C ILE A 204 9.00 -7.97 -1.62
N GLU A 205 9.12 -8.89 -0.67
CA GLU A 205 9.49 -10.26 -1.00
C GLU A 205 8.22 -11.02 -1.33
N GLN A 206 7.13 -10.70 -0.64
CA GLN A 206 5.88 -11.37 -0.90
C GLN A 206 5.25 -10.69 -2.08
N PHE A 207 5.53 -9.40 -2.24
CA PHE A 207 4.96 -8.66 -3.35
C PHE A 207 5.49 -9.17 -4.66
N MSE A 208 6.80 -9.41 -4.72
CA MSE A 208 7.45 -9.87 -5.94
C MSE A 208 7.01 -11.24 -6.43
O MSE A 208 6.69 -11.43 -7.60
CB MSE A 208 8.96 -9.85 -5.76
CG MSE A 208 9.68 -9.16 -6.91
SE MSE A 208 8.84 -7.47 -7.36
CE MSE A 208 9.16 -6.54 -5.70
N LYS A 209 7.01 -12.21 -5.52
CA LYS A 209 6.61 -13.55 -5.85
C LYS A 209 5.22 -13.49 -6.48
N GLU A 210 4.36 -12.62 -5.95
CA GLU A 210 3.01 -12.49 -6.50
C GLU A 210 3.10 -11.89 -7.90
N TRP A 211 3.98 -10.93 -8.08
CA TRP A 211 4.15 -10.28 -9.37
C TRP A 211 4.44 -11.28 -10.48
N ASN A 212 5.06 -12.39 -10.09
CA ASN A 212 5.41 -13.46 -11.02
C ASN A 212 4.59 -14.70 -10.72
N ALA A 213 3.42 -14.48 -10.10
CA ALA A 213 2.55 -15.59 -9.77
C ALA A 213 3.34 -16.77 -9.21
N GLN A 214 3.78 -16.67 -7.96
CA GLN A 214 4.53 -17.76 -7.36
C GLN A 214 3.55 -18.60 -6.55
N THR B 2 1.04 -25.46 -34.19
CA THR B 2 0.67 -26.05 -32.87
C THR B 2 -0.04 -25.06 -31.96
N LYS B 3 -0.66 -25.58 -30.90
CA LYS B 3 -1.40 -24.77 -29.93
C LYS B 3 -0.53 -23.70 -29.28
N GLN B 4 0.63 -24.09 -28.79
CA GLN B 4 1.54 -23.15 -28.16
C GLN B 4 1.85 -22.00 -29.09
N GLU B 5 1.84 -22.27 -30.39
CA GLU B 5 2.12 -21.17 -31.30
C GLU B 5 0.91 -20.24 -31.35
N LYS B 6 -0.25 -20.77 -30.94
CA LYS B 6 -1.47 -19.98 -30.94
C LYS B 6 -1.54 -19.21 -29.63
N ILE B 7 -1.42 -19.94 -28.52
CA ILE B 7 -1.42 -19.31 -27.22
C ILE B 7 -0.35 -18.22 -27.26
N GLU B 8 0.64 -18.38 -28.14
CA GLU B 8 1.70 -17.37 -28.25
C GLU B 8 1.26 -16.15 -29.06
N LYS B 9 0.68 -16.38 -30.23
CA LYS B 9 0.26 -15.27 -31.09
C LYS B 9 -0.90 -14.53 -30.48
N THR B 10 -1.65 -15.22 -29.63
CA THR B 10 -2.80 -14.64 -28.95
C THR B 10 -2.22 -13.65 -27.89
N ILE B 11 -1.07 -13.99 -27.31
CA ILE B 11 -0.38 -13.15 -26.33
C ILE B 11 -0.01 -11.86 -27.01
N THR B 12 0.06 -11.92 -28.34
CA THR B 12 0.40 -10.74 -29.09
C THR B 12 -0.90 -10.04 -29.40
N PHE B 13 -1.97 -10.81 -29.59
CA PHE B 13 -3.27 -10.24 -29.90
C PHE B 13 -3.78 -9.30 -28.80
N VAL B 14 -3.59 -9.71 -27.55
CA VAL B 14 -4.01 -8.90 -26.42
C VAL B 14 -2.99 -7.78 -26.19
N LYS B 15 -1.72 -8.13 -26.23
CA LYS B 15 -0.66 -7.15 -26.02
C LYS B 15 -0.80 -5.95 -26.94
N HIS B 16 -1.36 -6.18 -28.13
CA HIS B 16 -1.56 -5.12 -29.11
C HIS B 16 -2.83 -4.31 -28.87
N ILE B 17 -3.97 -4.99 -28.90
CA ILE B 17 -5.25 -4.31 -28.70
C ILE B 17 -5.21 -3.38 -27.47
N LEU B 18 -4.33 -3.69 -26.53
CA LEU B 18 -4.20 -2.88 -25.32
C LEU B 18 -3.45 -1.59 -25.64
N GLU B 19 -2.90 -1.50 -26.84
CA GLU B 19 -2.17 -0.30 -27.21
C GLU B 19 -3.07 0.69 -27.94
N LYS B 20 -3.95 0.17 -28.79
CA LYS B 20 -4.87 1.02 -29.55
C LYS B 20 -5.85 1.75 -28.63
N ASP B 21 -5.62 1.69 -27.32
CA ASP B 21 -6.52 2.36 -26.38
C ASP B 21 -5.92 2.34 -24.98
N ALA B 22 -6.75 1.91 -24.03
CA ALA B 22 -6.39 1.83 -22.61
C ALA B 22 -4.92 2.06 -22.34
N SER B 23 -4.21 0.96 -22.12
CA SER B 23 -2.78 1.01 -21.84
C SER B 23 -2.16 -0.38 -21.82
N GLY B 24 -0.99 -0.47 -22.41
CA GLY B 24 -0.30 -1.75 -22.43
C GLY B 24 0.22 -2.04 -21.04
N HIS B 25 -0.40 -1.44 -20.04
CA HIS B 25 0.03 -1.68 -18.69
C HIS B 25 -0.89 -2.68 -17.98
N ASP B 26 -2.11 -2.84 -18.50
CA ASP B 26 -3.06 -3.82 -17.92
C ASP B 26 -2.63 -5.24 -18.26
N TRP B 27 -1.54 -5.36 -19.03
CA TRP B 27 -1.01 -6.66 -19.41
C TRP B 27 -0.44 -7.39 -18.22
N TYR B 28 0.38 -6.71 -17.43
CA TYR B 28 1.00 -7.34 -16.28
C TYR B 28 -0.06 -8.02 -15.40
N HIS B 29 -1.31 -7.57 -15.49
CA HIS B 29 -2.39 -8.17 -14.72
C HIS B 29 -2.87 -9.43 -15.42
N ILE B 30 -3.08 -9.31 -16.73
CA ILE B 30 -3.51 -10.42 -17.57
C ILE B 30 -2.55 -11.60 -17.38
N ARG B 31 -1.26 -11.33 -17.53
CA ARG B 31 -0.26 -12.38 -17.39
C ARG B 31 -0.29 -13.02 -16.01
N ARG B 32 -0.14 -12.20 -14.98
CA ARG B 32 -0.16 -12.69 -13.61
C ARG B 32 -1.29 -13.69 -13.39
N VAL B 33 -2.44 -13.45 -14.01
CA VAL B 33 -3.58 -14.35 -13.88
C VAL B 33 -3.32 -15.61 -14.74
N HIS B 34 -2.87 -15.39 -15.97
CA HIS B 34 -2.55 -16.46 -16.91
C HIS B 34 -1.51 -17.41 -16.32
N LYS B 35 -0.33 -16.89 -16.00
CA LYS B 35 0.71 -17.75 -15.43
C LYS B 35 0.15 -18.48 -14.20
N MSE B 36 -0.78 -17.82 -13.52
CA MSE B 36 -1.41 -18.37 -12.33
C MSE B 36 -2.42 -19.48 -12.67
O MSE B 36 -2.58 -20.45 -11.91
CB MSE B 36 -2.08 -17.23 -11.56
CG MSE B 36 -2.48 -17.54 -10.13
SE MSE B 36 -2.22 -16.02 -8.94
CE MSE B 36 -2.64 -14.52 -10.13
N ALA B 37 -3.10 -19.32 -13.80
CA ALA B 37 -4.08 -20.30 -14.25
C ALA B 37 -3.35 -21.57 -14.65
N ILE B 38 -2.11 -21.39 -15.11
CA ILE B 38 -1.30 -22.54 -15.48
C ILE B 38 -1.03 -23.30 -14.19
N SER B 39 -0.14 -22.76 -13.37
CA SER B 39 0.23 -23.40 -12.12
C SER B 39 -0.93 -24.03 -11.38
N LEU B 40 -2.11 -23.46 -11.56
CA LEU B 40 -3.31 -23.97 -10.92
C LEU B 40 -3.80 -25.26 -11.60
N SER B 41 -3.86 -25.26 -12.94
CA SER B 41 -4.31 -26.44 -13.69
C SER B 41 -3.38 -27.60 -13.46
N GLU B 42 -2.09 -27.35 -13.57
CA GLU B 42 -1.08 -28.37 -13.37
C GLU B 42 -1.07 -28.84 -11.94
N GLN B 43 -2.23 -28.78 -11.31
CA GLN B 43 -2.32 -29.26 -9.97
C GLN B 43 -3.76 -29.60 -9.71
N GLU B 44 -4.60 -29.31 -10.69
CA GLU B 44 -6.01 -29.58 -10.56
C GLU B 44 -6.62 -30.22 -11.80
N GLY B 45 -5.86 -30.28 -12.88
CA GLY B 45 -6.37 -30.87 -14.10
C GLY B 45 -6.92 -29.85 -15.10
N GLY B 46 -7.98 -30.23 -15.81
CA GLY B 46 -8.58 -29.36 -16.80
C GLY B 46 -7.75 -29.14 -18.06
N ASN B 47 -8.42 -28.79 -19.16
CA ASN B 47 -7.74 -28.56 -20.43
C ASN B 47 -6.89 -27.30 -20.48
N ARG B 48 -5.57 -27.45 -20.37
CA ARG B 48 -4.67 -26.30 -20.41
C ARG B 48 -5.01 -25.29 -21.50
N PHE B 49 -4.75 -25.63 -22.76
CA PHE B 49 -5.06 -24.69 -23.84
C PHE B 49 -6.33 -23.87 -23.63
N ILE B 50 -7.43 -24.52 -23.27
CA ILE B 50 -8.66 -23.78 -23.06
C ILE B 50 -8.41 -22.83 -21.91
N ILE B 51 -7.99 -23.35 -20.76
CA ILE B 51 -7.74 -22.51 -19.61
C ILE B 51 -6.91 -21.28 -19.99
N GLU B 52 -5.77 -21.50 -20.66
CA GLU B 52 -4.91 -20.41 -21.08
C GLU B 52 -5.60 -19.44 -22.04
N MSE B 53 -6.11 -19.96 -23.15
CA MSE B 53 -6.77 -19.10 -24.11
C MSE B 53 -7.87 -18.28 -23.43
O MSE B 53 -8.10 -17.12 -23.79
CB MSE B 53 -7.40 -19.91 -25.23
CG MSE B 53 -6.40 -20.45 -26.21
SE MSE B 53 -5.37 -19.00 -26.99
CE MSE B 53 -6.65 -18.39 -28.31
N ALA B 54 -8.52 -18.88 -22.45
CA ALA B 54 -9.58 -18.17 -21.76
C ALA B 54 -9.03 -17.07 -20.87
N ALA B 55 -8.18 -17.43 -19.92
CA ALA B 55 -7.61 -16.44 -19.01
C ALA B 55 -7.00 -15.27 -19.75
N LEU B 56 -6.47 -15.54 -20.93
CA LEU B 56 -5.82 -14.54 -21.77
C LEU B 56 -6.76 -13.60 -22.53
N LEU B 57 -8.05 -13.90 -22.58
CA LEU B 57 -8.97 -13.05 -23.33
C LEU B 57 -10.23 -12.60 -22.57
N HIS B 58 -10.31 -12.94 -21.27
CA HIS B 58 -11.47 -12.56 -20.44
C HIS B 58 -11.56 -11.04 -20.32
N ASP B 59 -10.40 -10.41 -20.39
CA ASP B 59 -10.30 -8.97 -20.30
C ASP B 59 -10.60 -8.23 -21.59
N VAL B 60 -10.39 -8.88 -22.73
CA VAL B 60 -10.62 -8.25 -24.02
C VAL B 60 -12.09 -8.08 -24.36
N ALA B 61 -12.94 -8.79 -23.65
CA ALA B 61 -14.36 -8.66 -23.89
C ALA B 61 -14.97 -7.71 -22.85
N ASP B 62 -14.34 -7.62 -21.68
CA ASP B 62 -14.81 -6.75 -20.61
C ASP B 62 -15.31 -5.40 -21.15
N LEU B 65 -14.24 -2.13 -20.78
CA LEU B 65 -13.70 -1.00 -21.54
C LEU B 65 -13.30 -1.45 -22.96
N ASN B 66 -13.84 -2.56 -23.41
CA ASN B 66 -13.50 -3.08 -24.74
C ASN B 66 -14.27 -2.34 -25.82
N GLU B 67 -15.56 -2.16 -25.56
CA GLU B 67 -16.48 -1.49 -26.47
C GLU B 67 -17.81 -1.18 -25.77
N SER B 68 -18.81 -2.04 -25.96
CA SER B 68 -20.14 -1.80 -25.39
C SER B 68 -20.93 -3.11 -25.16
N GLU B 69 -21.02 -3.54 -23.90
CA GLU B 69 -21.71 -4.78 -23.54
C GLU B 69 -21.09 -6.01 -24.28
N GLU B 70 -21.95 -6.96 -24.69
CA GLU B 70 -21.53 -8.17 -25.38
C GLU B 70 -21.07 -7.89 -26.81
N ALA B 71 -20.35 -6.78 -26.99
CA ALA B 71 -19.85 -6.41 -28.30
C ALA B 71 -18.46 -7.00 -28.47
N GLY B 72 -17.83 -7.33 -27.35
CA GLY B 72 -16.49 -7.91 -27.39
C GLY B 72 -16.52 -9.41 -27.60
N MSE B 73 -17.65 -10.02 -27.31
CA MSE B 73 -17.81 -11.46 -27.48
C MSE B 73 -17.48 -11.81 -28.93
O MSE B 73 -16.64 -12.68 -29.19
CB MSE B 73 -19.25 -11.86 -27.19
CG MSE B 73 -19.37 -13.07 -26.30
SE MSE B 73 -18.43 -12.86 -24.62
CE MSE B 73 -18.97 -11.06 -24.13
N LYS B 74 -18.12 -11.13 -29.87
CA LYS B 74 -17.87 -11.39 -31.28
C LYS B 74 -16.48 -10.89 -31.61
N LYS B 75 -15.91 -10.09 -30.72
CA LYS B 75 -14.56 -9.58 -30.96
C LYS B 75 -13.57 -10.71 -30.72
N VAL B 76 -13.88 -11.53 -29.72
CA VAL B 76 -13.07 -12.70 -29.34
C VAL B 76 -13.48 -13.86 -30.22
N SER B 77 -14.78 -13.93 -30.47
CA SER B 77 -15.36 -14.95 -31.32
C SER B 77 -14.64 -15.05 -32.66
N ASP B 78 -14.74 -13.99 -33.47
CA ASP B 78 -14.09 -13.96 -34.79
C ASP B 78 -12.57 -14.07 -34.76
N TRP B 79 -12.00 -13.98 -33.56
CA TRP B 79 -10.54 -14.10 -33.41
C TRP B 79 -10.15 -15.56 -33.32
N LEU B 80 -10.81 -16.29 -32.43
CA LEU B 80 -10.52 -17.70 -32.25
C LEU B 80 -10.63 -18.41 -33.61
N GLU B 81 -11.38 -17.79 -34.51
CA GLU B 81 -11.59 -18.31 -35.86
C GLU B 81 -10.35 -18.14 -36.70
N GLU B 82 -9.82 -16.91 -36.71
CA GLU B 82 -8.62 -16.61 -37.46
C GLU B 82 -7.49 -17.54 -37.02
N LEU B 83 -7.49 -17.88 -35.74
CA LEU B 83 -6.48 -18.78 -35.16
C LEU B 83 -6.92 -20.23 -35.34
N HIS B 84 -8.08 -20.41 -35.95
CA HIS B 84 -8.63 -21.74 -36.20
C HIS B 84 -8.69 -22.57 -34.93
N VAL B 85 -9.89 -22.68 -34.39
CA VAL B 85 -10.11 -23.44 -33.17
C VAL B 85 -11.47 -24.13 -33.28
N GLU B 86 -11.46 -25.45 -33.50
CA GLU B 86 -12.69 -26.22 -33.62
C GLU B 86 -13.74 -25.70 -32.67
N GLU B 87 -14.93 -25.42 -33.21
CA GLU B 87 -16.03 -24.92 -32.38
C GLU B 87 -16.16 -25.80 -31.14
N GLU B 88 -15.72 -27.04 -31.27
CA GLU B 88 -15.79 -28.00 -30.17
C GLU B 88 -15.05 -27.47 -28.94
N GLU B 89 -14.03 -26.65 -29.19
CA GLU B 89 -13.24 -26.07 -28.10
C GLU B 89 -13.55 -24.61 -27.92
N SER B 90 -13.62 -23.90 -29.03
CA SER B 90 -13.91 -22.47 -29.04
C SER B 90 -15.19 -22.18 -28.27
N LYS B 91 -16.21 -22.99 -28.53
CA LYS B 91 -17.49 -22.81 -27.86
C LYS B 91 -17.29 -22.83 -26.33
N HIS B 92 -16.22 -23.47 -25.87
CA HIS B 92 -15.91 -23.60 -24.44
C HIS B 92 -15.00 -22.47 -23.98
N VAL B 93 -14.11 -22.06 -24.87
CA VAL B 93 -13.18 -20.99 -24.56
C VAL B 93 -13.96 -19.71 -24.40
N LEU B 94 -14.54 -19.22 -25.49
CA LEU B 94 -15.28 -17.98 -25.38
C LEU B 94 -16.51 -18.14 -24.52
N HIS B 95 -16.67 -19.30 -23.91
CA HIS B 95 -17.83 -19.51 -23.07
C HIS B 95 -17.56 -18.89 -21.71
N ILE B 96 -16.66 -19.49 -20.94
CA ILE B 96 -16.32 -18.97 -19.61
C ILE B 96 -15.93 -17.48 -19.63
N ILE B 97 -15.46 -17.04 -20.80
CA ILE B 97 -15.07 -15.65 -21.04
C ILE B 97 -16.30 -14.78 -20.83
N ALA B 98 -17.45 -15.43 -20.67
CA ALA B 98 -18.69 -14.71 -20.45
C ALA B 98 -18.83 -14.55 -18.95
N ASN B 99 -18.63 -15.63 -18.21
CA ASN B 99 -18.75 -15.60 -16.76
C ASN B 99 -17.49 -15.04 -16.10
N MSE B 100 -16.90 -14.05 -16.75
CA MSE B 100 -15.69 -13.40 -16.25
C MSE B 100 -15.93 -11.90 -16.01
O MSE B 100 -15.00 -11.10 -16.07
CB MSE B 100 -14.54 -13.59 -17.22
CG MSE B 100 -14.00 -15.03 -17.29
SE MSE B 100 -12.77 -15.52 -15.85
CE MSE B 100 -14.02 -15.75 -14.39
N SER B 112 -17.74 -26.28 -14.75
CA SER B 112 -16.64 -26.45 -15.70
C SER B 112 -15.30 -26.30 -15.01
N ILE B 113 -14.51 -27.37 -14.89
CA ILE B 113 -13.24 -27.24 -14.20
C ILE B 113 -12.30 -26.21 -14.84
N GLU B 114 -12.23 -26.21 -16.17
CA GLU B 114 -11.38 -25.26 -16.91
C GLU B 114 -11.73 -23.83 -16.50
N GLY B 115 -12.98 -23.47 -16.70
CA GLY B 115 -13.42 -22.14 -16.31
C GLY B 115 -13.17 -21.95 -14.83
N LYS B 116 -13.70 -22.86 -14.01
CA LYS B 116 -13.55 -22.76 -12.57
C LYS B 116 -12.13 -22.33 -12.21
N LEU B 117 -11.13 -22.88 -12.90
CA LEU B 117 -9.75 -22.53 -12.60
C LEU B 117 -9.44 -21.10 -13.03
N VAL B 118 -9.84 -20.72 -14.24
CA VAL B 118 -9.56 -19.37 -14.71
C VAL B 118 -10.09 -18.38 -13.67
N GLN B 119 -11.31 -18.63 -13.19
CA GLN B 119 -11.92 -17.76 -12.21
C GLN B 119 -11.16 -17.76 -10.89
N ASP B 120 -10.55 -18.87 -10.55
CA ASP B 120 -9.80 -18.93 -9.31
C ASP B 120 -8.48 -18.21 -9.50
N ALA B 121 -8.04 -18.15 -10.76
CA ALA B 121 -6.78 -17.50 -11.10
C ALA B 121 -6.97 -15.99 -11.27
N ASP B 122 -8.21 -15.53 -11.37
CA ASP B 122 -8.46 -14.12 -11.54
C ASP B 122 -8.78 -13.45 -10.22
N ARG B 123 -9.60 -14.13 -9.43
CA ARG B 123 -10.00 -13.62 -8.12
C ARG B 123 -8.79 -13.60 -7.16
N LEU B 124 -7.89 -14.58 -7.29
CA LEU B 124 -6.71 -14.64 -6.44
C LEU B 124 -5.89 -13.38 -6.63
N ASP B 125 -5.97 -12.82 -7.84
CA ASP B 125 -5.24 -11.61 -8.17
C ASP B 125 -5.90 -10.37 -7.62
N ALA B 126 -6.24 -10.39 -6.34
CA ALA B 126 -6.87 -9.23 -5.72
C ALA B 126 -6.36 -9.20 -4.30
N LEU B 127 -5.97 -10.37 -3.83
CA LEU B 127 -5.45 -10.55 -2.49
C LEU B 127 -3.92 -10.57 -2.48
N GLY B 128 -3.36 -10.35 -1.29
CA GLY B 128 -1.93 -10.35 -1.12
C GLY B 128 -1.29 -8.97 -1.23
N ALA B 129 0.02 -8.91 -1.02
CA ALA B 129 0.76 -7.66 -1.10
C ALA B 129 0.18 -6.72 -2.16
N ILE B 130 0.15 -7.19 -3.41
CA ILE B 130 -0.36 -6.43 -4.57
C ILE B 130 -1.71 -5.77 -4.23
N GLY B 131 -2.60 -6.55 -3.62
CA GLY B 131 -3.92 -6.08 -3.25
C GLY B 131 -3.74 -4.89 -2.33
N ILE B 132 -3.07 -5.12 -1.21
CA ILE B 132 -2.80 -4.07 -0.26
C ILE B 132 -2.40 -2.84 -1.07
N ALA B 133 -1.36 -2.97 -1.88
CA ALA B 133 -0.92 -1.84 -2.68
C ALA B 133 -2.02 -1.36 -3.58
N ARG B 134 -2.55 -2.23 -4.41
CA ARG B 134 -3.60 -1.77 -5.29
C ARG B 134 -4.59 -0.89 -4.54
N THR B 135 -4.87 -1.26 -3.30
CA THR B 135 -5.83 -0.52 -2.49
C THR B 135 -5.39 0.90 -2.12
N PHE B 136 -4.40 1.03 -1.26
CA PHE B 136 -3.95 2.37 -0.90
C PHE B 136 -3.70 3.22 -2.15
N ALA B 137 -3.25 2.56 -3.21
CA ALA B 137 -2.97 3.20 -4.49
C ALA B 137 -4.25 3.81 -5.04
N TYR B 138 -5.25 2.96 -5.23
CA TYR B 138 -6.54 3.40 -5.71
C TYR B 138 -7.08 4.45 -4.74
N GLY B 139 -6.73 4.30 -3.46
CA GLY B 139 -7.16 5.24 -2.44
C GLY B 139 -6.54 6.60 -2.69
N GLY B 140 -5.25 6.61 -2.97
CA GLY B 140 -4.58 7.86 -3.25
C GLY B 140 -5.21 8.60 -4.41
N ALA B 141 -5.42 7.89 -5.52
CA ALA B 141 -6.05 8.47 -6.70
C ALA B 141 -7.44 8.98 -6.35
N LYS B 142 -8.27 8.11 -5.80
CA LYS B 142 -9.62 8.53 -5.45
C LYS B 142 -9.70 9.62 -4.38
N GLY B 143 -8.56 9.97 -3.77
CA GLY B 143 -8.54 11.01 -2.75
C GLY B 143 -9.20 10.63 -1.43
N ARG B 144 -8.53 9.76 -0.68
CA ARG B 144 -9.05 9.30 0.60
C ARG B 144 -7.90 9.00 1.55
N LEU B 145 -8.23 8.89 2.83
CA LEU B 145 -7.21 8.58 3.82
C LEU B 145 -6.91 7.09 3.72
N MSE B 146 -6.02 6.61 4.59
CA MSE B 146 -5.67 5.20 4.59
C MSE B 146 -6.47 4.50 5.67
O MSE B 146 -6.97 3.39 5.47
CB MSE B 146 -4.19 5.05 4.87
CG MSE B 146 -3.38 6.23 4.46
SE MSE B 146 -1.49 5.86 4.54
CE MSE B 146 -1.35 5.02 6.27
N TYR B 147 -6.55 5.14 6.83
CA TYR B 147 -7.30 4.64 7.98
C TYR B 147 -7.91 5.80 8.74
N ASP B 148 -8.99 5.51 9.44
CA ASP B 148 -9.70 6.52 10.24
C ASP B 148 -10.54 5.81 11.29
N PRO B 149 -10.23 5.98 12.58
CA PRO B 149 -10.97 5.36 13.69
C PRO B 149 -12.40 5.89 13.86
N THR B 150 -12.74 6.94 13.11
CA THR B 150 -14.07 7.54 13.15
C THR B 150 -14.99 6.82 12.15
N ILE B 151 -14.37 6.06 11.24
CA ILE B 151 -15.10 5.31 10.22
C ILE B 151 -14.72 3.82 10.27
N PRO B 152 -15.38 3.06 11.15
CA PRO B 152 -15.10 1.63 11.29
C PRO B 152 -15.52 0.82 10.07
N PRO B 153 -15.08 -0.43 9.98
CA PRO B 153 -15.43 -1.30 8.84
C PRO B 153 -16.93 -1.63 8.71
N ARG B 154 -17.35 -2.07 7.53
CA ARG B 154 -18.74 -2.43 7.26
C ARG B 154 -18.81 -3.79 6.55
N ASP B 167 -14.85 6.81 4.25
CA ASP B 167 -14.57 5.61 3.48
C ASP B 167 -13.08 5.56 3.17
N PRO B 168 -12.26 5.09 4.14
CA PRO B 168 -10.81 4.98 4.01
C PRO B 168 -10.38 3.70 3.30
N SER B 169 -9.14 3.69 2.81
CA SER B 169 -8.60 2.55 2.10
C SER B 169 -8.47 1.28 2.92
N LEU B 170 -8.12 1.40 4.19
CA LEU B 170 -7.95 0.22 5.01
C LEU B 170 -9.25 -0.55 5.20
N ASN B 171 -10.37 0.17 5.24
CA ASN B 171 -11.65 -0.49 5.43
C ASN B 171 -11.99 -1.41 4.25
N HIS B 172 -11.69 -0.96 3.03
CA HIS B 172 -11.95 -1.75 1.84
C HIS B 172 -11.52 -3.21 2.03
N PHE B 173 -10.52 -3.45 2.86
CA PHE B 173 -10.07 -4.81 3.07
C PHE B 173 -11.20 -5.67 3.62
N TYR B 174 -11.69 -5.32 4.81
CA TYR B 174 -12.78 -6.06 5.43
C TYR B 174 -14.01 -6.00 4.53
N GLU B 175 -14.21 -4.81 3.95
CA GLU B 175 -15.34 -4.56 3.07
C GLU B 175 -15.57 -5.66 2.03
N LYS B 176 -14.67 -5.77 1.08
CA LYS B 176 -14.83 -6.75 0.02
C LYS B 176 -13.55 -7.38 -0.46
N LEU B 177 -12.69 -7.81 0.46
CA LEU B 177 -11.42 -8.44 0.08
C LEU B 177 -11.08 -9.65 0.94
N LEU B 178 -11.09 -9.48 2.25
CA LEU B 178 -10.79 -10.60 3.13
C LEU B 178 -11.80 -11.73 2.93
N LYS B 179 -12.98 -11.41 2.40
CA LYS B 179 -14.01 -12.41 2.18
C LYS B 179 -13.97 -13.00 0.76
N LEU B 180 -12.80 -12.94 0.14
CA LEU B 180 -12.61 -13.48 -1.22
C LEU B 180 -12.03 -14.87 -1.23
N LYS B 181 -11.34 -15.23 -0.15
CA LYS B 181 -10.74 -16.55 -0.03
C LYS B 181 -11.79 -17.62 0.21
N ASP B 182 -13.04 -17.18 0.35
CA ASP B 182 -14.14 -18.11 0.60
C ASP B 182 -14.89 -18.42 -0.70
N LEU B 183 -14.54 -17.71 -1.76
CA LEU B 183 -15.19 -17.90 -3.07
C LEU B 183 -14.30 -18.67 -4.04
N MSE B 184 -13.17 -19.15 -3.55
CA MSE B 184 -12.25 -19.91 -4.38
C MSE B 184 -12.89 -21.28 -4.66
O MSE B 184 -13.53 -21.85 -3.78
CB MSE B 184 -10.91 -20.06 -3.66
CG MSE B 184 -9.68 -19.67 -4.51
SE MSE B 184 -9.68 -17.84 -5.22
CE MSE B 184 -9.04 -16.86 -3.70
N ASN B 185 -12.72 -21.78 -5.88
CA ASN B 185 -13.28 -23.07 -6.29
C ASN B 185 -12.38 -24.28 -6.06
N THR B 186 -11.36 -24.46 -6.91
CA THR B 186 -10.47 -25.61 -6.76
C THR B 186 -9.62 -25.51 -5.50
N ASN B 187 -8.91 -26.59 -5.21
CA ASN B 187 -8.07 -26.65 -4.03
C ASN B 187 -6.85 -25.76 -4.13
N ALA B 188 -6.01 -25.95 -5.16
CA ALA B 188 -4.80 -25.15 -5.33
C ALA B 188 -5.07 -23.66 -5.13
N ALA B 189 -6.19 -23.19 -5.69
CA ALA B 189 -6.62 -21.79 -5.57
C ALA B 189 -6.92 -21.51 -4.11
N LYS B 190 -7.69 -22.39 -3.48
CA LYS B 190 -8.02 -22.20 -2.08
C LYS B 190 -6.75 -22.16 -1.24
N GLN B 191 -5.82 -23.05 -1.53
CA GLN B 191 -4.57 -23.09 -0.77
C GLN B 191 -3.88 -21.75 -0.86
N GLU B 192 -3.45 -21.40 -2.06
CA GLU B 192 -2.77 -20.14 -2.27
C GLU B 192 -3.53 -19.01 -1.57
N ALA B 193 -4.85 -18.97 -1.76
CA ALA B 193 -5.74 -17.95 -1.18
C ALA B 193 -5.60 -17.80 0.33
N GLU B 194 -5.50 -18.93 1.01
CA GLU B 194 -5.32 -18.92 2.46
C GLU B 194 -4.00 -18.26 2.78
N VAL B 195 -2.96 -18.58 2.02
CA VAL B 195 -1.66 -18.00 2.28
C VAL B 195 -1.73 -16.52 1.99
N ARG B 196 -2.33 -16.14 0.86
CA ARG B 196 -2.45 -14.73 0.48
C ARG B 196 -3.29 -13.96 1.50
N HIS B 197 -4.45 -14.54 1.84
CA HIS B 197 -5.39 -13.96 2.79
C HIS B 197 -4.72 -13.71 4.13
N ARG B 198 -4.00 -14.72 4.59
CA ARG B 198 -3.29 -14.64 5.86
C ARG B 198 -2.41 -13.41 5.92
N TYR B 199 -1.68 -13.15 4.84
CA TYR B 199 -0.76 -12.01 4.76
C TYR B 199 -1.48 -10.65 4.95
N MSE B 200 -2.64 -10.49 4.32
CA MSE B 200 -3.39 -9.26 4.47
C MSE B 200 -3.82 -9.12 5.94
O MSE B 200 -3.92 -8.01 6.47
CB MSE B 200 -4.60 -9.26 3.53
CG MSE B 200 -4.25 -9.27 2.04
SE MSE B 200 -5.77 -9.09 0.82
CE MSE B 200 -5.68 -7.21 0.37
N GLU B 201 -4.08 -10.25 6.59
CA GLU B 201 -4.48 -10.24 8.00
C GLU B 201 -3.33 -9.74 8.88
N GLN B 202 -2.19 -10.42 8.78
CA GLN B 202 -0.98 -10.08 9.53
C GLN B 202 -0.55 -8.65 9.21
N PHE B 203 -0.74 -8.24 7.97
CA PHE B 203 -0.38 -6.88 7.56
C PHE B 203 -1.19 -5.87 8.37
N ILE B 204 -2.52 -5.96 8.26
CA ILE B 204 -3.41 -5.05 8.99
C ILE B 204 -3.15 -5.18 10.50
N GLU B 205 -2.41 -6.23 10.87
CA GLU B 205 -2.06 -6.44 12.26
C GLU B 205 -0.81 -5.65 12.59
N GLN B 206 0.09 -5.57 11.63
CA GLN B 206 1.31 -4.82 11.83
C GLN B 206 1.00 -3.36 11.57
N PHE B 207 0.04 -3.13 10.69
CA PHE B 207 -0.33 -1.76 10.38
C PHE B 207 -0.93 -1.08 11.57
N MSE B 208 -1.81 -1.78 12.27
CA MSE B 208 -2.51 -1.22 13.42
C MSE B 208 -1.61 -0.88 14.60
O MSE B 208 -1.70 0.21 15.17
CB MSE B 208 -3.60 -2.18 13.87
CG MSE B 208 -4.93 -1.50 14.09
SE MSE B 208 -5.39 -0.33 12.61
CE MSE B 208 -5.52 -1.65 11.22
N LYS B 209 -0.77 -1.83 14.98
CA LYS B 209 0.15 -1.63 16.09
C LYS B 209 0.94 -0.35 15.81
N GLU B 210 1.32 -0.14 14.56
CA GLU B 210 2.07 1.07 14.21
C GLU B 210 1.19 2.29 14.38
N TRP B 211 -0.08 2.15 14.00
CA TRP B 211 -1.02 3.27 14.10
C TRP B 211 -1.11 3.80 15.52
N ASN B 212 -0.85 2.91 16.48
CA ASN B 212 -0.87 3.25 17.89
C ASN B 212 0.54 3.21 18.47
N ALA B 213 1.53 3.36 17.60
CA ALA B 213 2.91 3.34 18.03
C ALA B 213 3.15 2.21 19.04
N GLN B 214 3.20 0.97 18.55
CA GLN B 214 3.44 -0.15 19.44
C GLN B 214 4.93 -0.47 19.41
MG MG C . 7.16 14.98 11.26
MG MG D . -9.34 -9.79 -14.41
#